data_1PDU
#
_entry.id   1PDU
#
_cell.length_a   78.379
_cell.length_b   82.231
_cell.length_c   84.147
_cell.angle_alpha   90
_cell.angle_beta   90
_cell.angle_gamma   90
#
_symmetry.space_group_name_H-M   'P 21 21 21'
#
loop_
_entity.id
_entity.type
_entity.pdbx_description
1 polymer 'nuclear hormone receptor HR38'
2 water water
#
_entity_poly.entity_id   1
_entity_poly.type   'polypeptide(L)'
_entity_poly.pdbx_seq_one_letter_code
;MKKGHHHHHHGAISLITALVRSHVDTTPDPSCLDYSHYEEQSMSEADKVQQFYQLLTSSVDVIKQFAEKIPGYFDLLPED
QELLFQSASLELFVLRLAYRARIDDTKLIFCNGTVLHRTQCLRSFGEWLNDIMEFSRSLHNLEIDISAFACLCALTLITE
RHGLREPKKVEQLQMKIIGSLRDHVTYNAEAQKKQHYFSRLLGKLPELRSLSVQGLQRIFYLKLEDLVPAPALIENMFVT
TLPF
;
_entity_poly.pdbx_strand_id   A,B
#
# COMPACT_ATOMS: atom_id res chain seq x y z
N ALA A 12 2.97 -8.05 -14.50
CA ALA A 12 1.76 -7.15 -14.47
C ALA A 12 1.59 -6.52 -13.08
N ILE A 13 0.68 -5.56 -12.97
CA ILE A 13 0.45 -4.87 -11.70
C ILE A 13 -0.36 -5.66 -10.68
N SER A 14 -0.11 -5.37 -9.40
CA SER A 14 -0.80 -6.02 -8.30
C SER A 14 -2.31 -5.78 -8.32
N LEU A 15 -3.04 -6.71 -7.71
CA LEU A 15 -4.47 -6.62 -7.63
C LEU A 15 -4.94 -5.29 -7.01
N ILE A 16 -4.36 -4.91 -5.87
CA ILE A 16 -4.77 -3.68 -5.22
C ILE A 16 -4.47 -2.44 -6.07
N THR A 17 -3.38 -2.45 -6.82
CA THR A 17 -3.08 -1.30 -7.67
C THR A 17 -4.04 -1.32 -8.87
N ALA A 18 -4.44 -2.50 -9.30
CA ALA A 18 -5.35 -2.57 -10.43
C ALA A 18 -6.70 -2.02 -9.96
N LEU A 19 -7.06 -2.35 -8.73
CA LEU A 19 -8.32 -1.89 -8.17
C LEU A 19 -8.32 -0.38 -7.97
N VAL A 20 -7.26 0.13 -7.34
CA VAL A 20 -7.17 1.57 -7.10
C VAL A 20 -7.18 2.36 -8.40
N ARG A 21 -6.50 1.84 -9.42
CA ARG A 21 -6.48 2.52 -10.71
C ARG A 21 -7.86 2.50 -11.34
N SER A 22 -8.59 1.40 -11.17
CA SER A 22 -9.93 1.32 -11.72
C SER A 22 -10.81 2.33 -11.01
N HIS A 23 -10.70 2.36 -9.68
CA HIS A 23 -11.47 3.30 -8.89
C HIS A 23 -11.20 4.71 -9.45
N VAL A 24 -9.92 5.11 -9.47
CA VAL A 24 -9.53 6.43 -9.96
C VAL A 24 -10.04 6.71 -11.39
N ASP A 25 -9.84 5.76 -12.30
CA ASP A 25 -10.28 5.92 -13.68
C ASP A 25 -11.80 6.05 -13.83
N THR A 26 -12.55 5.59 -12.84
CA THR A 26 -14.01 5.66 -12.90
C THR A 26 -14.61 6.62 -11.87
N THR A 27 -13.79 7.44 -11.23
CA THR A 27 -14.26 8.40 -10.25
C THR A 27 -14.09 9.78 -10.87
N PRO A 28 -15.19 10.49 -11.13
CA PRO A 28 -15.11 11.82 -11.73
C PRO A 28 -14.06 12.68 -11.06
N ASP A 29 -13.21 13.34 -11.85
CA ASP A 29 -12.21 14.22 -11.26
C ASP A 29 -12.86 15.60 -11.21
N PRO A 30 -12.56 16.37 -10.17
CA PRO A 30 -13.09 17.72 -9.94
C PRO A 30 -13.22 18.61 -11.19
N SER A 31 -12.19 18.64 -12.01
CA SER A 31 -12.21 19.48 -13.19
C SER A 31 -13.23 19.09 -14.25
N CYS A 32 -13.77 17.87 -14.18
CA CYS A 32 -14.73 17.43 -15.19
C CYS A 32 -16.15 17.17 -14.68
N LEU A 33 -16.49 17.68 -13.51
CA LEU A 33 -17.83 17.49 -12.96
C LEU A 33 -18.88 18.19 -13.83
N ASP A 34 -20.10 17.65 -13.84
CA ASP A 34 -21.18 18.26 -14.63
C ASP A 34 -22.09 19.06 -13.70
N TYR A 35 -22.16 20.36 -13.92
CA TYR A 35 -22.98 21.22 -13.08
C TYR A 35 -24.28 21.67 -13.73
N SER A 36 -24.58 21.15 -14.91
CA SER A 36 -25.79 21.55 -15.62
C SER A 36 -27.11 21.35 -14.88
N HIS A 37 -27.12 20.54 -13.83
CA HIS A 37 -28.35 20.30 -13.07
C HIS A 37 -28.36 20.91 -11.67
N TYR A 38 -27.26 21.54 -11.28
CA TYR A 38 -27.16 22.12 -9.94
C TYR A 38 -28.15 23.26 -9.67
N GLU A 39 -28.25 24.18 -10.61
CA GLU A 39 -29.15 25.32 -10.47
C GLU A 39 -30.57 24.83 -10.16
N GLU A 40 -31.12 25.31 -9.05
CA GLU A 40 -32.48 24.92 -8.67
C GLU A 40 -33.44 25.61 -9.63
N GLN A 41 -34.16 24.80 -10.40
CA GLN A 41 -35.12 25.33 -11.36
C GLN A 41 -36.46 24.61 -11.17
N SER A 42 -37.52 25.21 -11.69
CA SER A 42 -38.85 24.63 -11.57
C SER A 42 -38.97 23.35 -12.40
N MET A 43 -39.51 22.30 -11.78
CA MET A 43 -39.72 21.04 -12.48
C MET A 43 -40.70 20.14 -11.73
N SER A 44 -41.54 19.47 -12.49
CA SER A 44 -42.58 18.58 -11.98
C SER A 44 -42.09 17.41 -11.14
N GLU A 45 -43.02 16.78 -10.44
CA GLU A 45 -42.68 15.63 -9.63
C GLU A 45 -42.22 14.56 -10.62
N ALA A 46 -42.76 14.58 -11.83
CA ALA A 46 -42.39 13.61 -12.86
C ALA A 46 -40.96 13.86 -13.31
N ASP A 47 -40.59 15.14 -13.40
CA ASP A 47 -39.24 15.49 -13.82
C ASP A 47 -38.24 14.98 -12.79
N LYS A 48 -38.52 15.22 -11.52
CA LYS A 48 -37.64 14.80 -10.44
C LYS A 48 -37.41 13.30 -10.42
N VAL A 49 -38.39 12.52 -10.86
CA VAL A 49 -38.24 11.06 -10.89
C VAL A 49 -37.39 10.72 -12.10
N GLN A 50 -37.69 11.38 -13.21
CA GLN A 50 -36.96 11.20 -14.46
C GLN A 50 -35.46 11.40 -14.17
N GLN A 51 -35.14 12.54 -13.56
CA GLN A 51 -33.78 12.90 -13.20
C GLN A 51 -33.10 11.88 -12.31
N PHE A 52 -33.85 11.35 -11.35
CA PHE A 52 -33.34 10.35 -10.42
C PHE A 52 -32.96 9.07 -11.17
N TYR A 53 -33.85 8.60 -12.02
CA TYR A 53 -33.56 7.38 -12.76
C TYR A 53 -32.31 7.57 -13.61
N GLN A 54 -32.26 8.69 -14.31
CA GLN A 54 -31.15 9.03 -15.20
C GLN A 54 -29.84 9.05 -14.42
N LEU A 55 -29.87 9.74 -13.28
CA LEU A 55 -28.73 9.87 -12.39
C LEU A 55 -28.26 8.49 -11.93
N LEU A 56 -29.21 7.68 -11.50
CA LEU A 56 -28.91 6.34 -11.03
C LEU A 56 -28.36 5.43 -12.16
N THR A 57 -29.06 5.35 -13.28
CA THR A 57 -28.61 4.49 -14.37
C THR A 57 -27.26 4.84 -14.98
N SER A 58 -27.01 6.12 -15.22
CA SER A 58 -25.74 6.50 -15.81
C SER A 58 -24.59 6.33 -14.84
N SER A 59 -24.87 6.42 -13.53
CA SER A 59 -23.81 6.23 -12.53
C SER A 59 -23.49 4.74 -12.50
N VAL A 60 -24.51 3.91 -12.63
CA VAL A 60 -24.30 2.48 -12.62
C VAL A 60 -23.50 2.08 -13.86
N ASP A 61 -23.70 2.79 -14.96
CA ASP A 61 -22.93 2.52 -16.18
C ASP A 61 -21.46 2.73 -15.89
N VAL A 62 -21.17 3.80 -15.13
CA VAL A 62 -19.80 4.11 -14.78
C VAL A 62 -19.28 3.06 -13.82
N ILE A 63 -20.11 2.67 -12.86
CA ILE A 63 -19.70 1.63 -11.93
C ILE A 63 -19.44 0.34 -12.70
N LYS A 64 -20.13 0.17 -13.82
CA LYS A 64 -19.95 -1.01 -14.65
C LYS A 64 -18.50 -1.03 -15.18
N GLN A 65 -17.98 0.16 -15.49
CA GLN A 65 -16.62 0.29 -15.99
C GLN A 65 -15.60 -0.15 -14.94
N PHE A 66 -15.87 0.17 -13.68
CA PHE A 66 -14.97 -0.19 -12.59
C PHE A 66 -14.94 -1.71 -12.36
N ALA A 67 -16.10 -2.33 -12.44
CA ALA A 67 -16.20 -3.75 -12.22
C ALA A 67 -15.47 -4.55 -13.32
N GLU A 68 -15.60 -4.09 -14.56
CA GLU A 68 -15.00 -4.80 -15.68
C GLU A 68 -13.49 -4.69 -15.69
N LYS A 69 -12.93 -3.82 -14.86
CA LYS A 69 -11.49 -3.69 -14.80
C LYS A 69 -10.94 -4.44 -13.60
N ILE A 70 -11.83 -5.06 -12.83
CA ILE A 70 -11.37 -5.84 -11.67
C ILE A 70 -10.71 -7.10 -12.24
N PRO A 71 -9.39 -7.20 -12.11
CA PRO A 71 -8.75 -8.42 -12.65
C PRO A 71 -9.44 -9.69 -12.16
N GLY A 72 -9.72 -10.58 -13.10
CA GLY A 72 -10.38 -11.84 -12.75
C GLY A 72 -11.88 -11.81 -12.94
N TYR A 73 -12.45 -10.62 -13.10
CA TYR A 73 -13.89 -10.49 -13.29
C TYR A 73 -14.34 -11.08 -14.60
N PHE A 74 -13.60 -10.78 -15.66
CA PHE A 74 -13.93 -11.29 -16.99
C PHE A 74 -13.65 -12.77 -17.13
N ASP A 75 -13.06 -13.36 -16.10
CA ASP A 75 -12.77 -14.79 -16.12
C ASP A 75 -13.98 -15.51 -15.54
N LEU A 76 -14.92 -14.75 -15.01
CA LEU A 76 -16.14 -15.30 -14.47
C LEU A 76 -17.10 -15.44 -15.66
N LEU A 77 -18.04 -16.38 -15.57
CA LEU A 77 -18.98 -16.56 -16.66
C LEU A 77 -19.79 -15.27 -16.82
N PRO A 78 -20.27 -14.99 -18.04
CA PRO A 78 -21.06 -13.78 -18.27
C PRO A 78 -22.34 -13.75 -17.43
N GLU A 79 -22.87 -14.92 -17.14
CA GLU A 79 -24.07 -15.06 -16.33
C GLU A 79 -23.80 -14.63 -14.89
N ASP A 80 -22.63 -15.01 -14.37
CA ASP A 80 -22.28 -14.64 -13.01
C ASP A 80 -21.92 -13.16 -12.92
N GLN A 81 -21.27 -12.64 -13.96
CA GLN A 81 -20.92 -11.22 -14.01
C GLN A 81 -22.21 -10.41 -13.87
N GLU A 82 -23.19 -10.77 -14.70
CA GLU A 82 -24.48 -10.10 -14.72
C GLU A 82 -25.18 -10.21 -13.37
N LEU A 83 -25.24 -11.43 -12.83
CA LEU A 83 -25.89 -11.63 -11.57
C LEU A 83 -25.20 -10.80 -10.48
N LEU A 84 -23.88 -10.91 -10.40
CA LEU A 84 -23.13 -10.16 -9.40
C LEU A 84 -23.33 -8.64 -9.57
N PHE A 85 -23.27 -8.17 -10.81
CA PHE A 85 -23.41 -6.74 -11.05
C PHE A 85 -24.78 -6.18 -10.70
N GLN A 86 -25.82 -6.84 -11.19
CA GLN A 86 -27.18 -6.40 -10.93
C GLN A 86 -27.44 -6.42 -9.43
N SER A 87 -26.92 -7.43 -8.75
CA SER A 87 -27.10 -7.57 -7.31
C SER A 87 -26.39 -6.54 -6.43
N ALA A 88 -25.36 -5.89 -6.96
CA ALA A 88 -24.61 -4.91 -6.17
C ALA A 88 -24.63 -3.49 -6.71
N SER A 89 -25.24 -3.30 -7.87
CA SER A 89 -25.24 -1.98 -8.47
C SER A 89 -25.72 -0.88 -7.53
N LEU A 90 -26.83 -1.10 -6.84
CA LEU A 90 -27.33 -0.09 -5.91
C LEU A 90 -26.34 0.10 -4.76
N GLU A 91 -25.77 -0.99 -4.26
CA GLU A 91 -24.81 -0.89 -3.17
C GLU A 91 -23.58 -0.10 -3.59
N LEU A 92 -23.05 -0.42 -4.77
CA LEU A 92 -21.87 0.29 -5.27
C LEU A 92 -22.21 1.76 -5.42
N PHE A 93 -23.41 2.03 -5.92
CA PHE A 93 -23.86 3.39 -6.11
C PHE A 93 -23.86 4.12 -4.76
N VAL A 94 -24.46 3.50 -3.76
CA VAL A 94 -24.55 4.10 -2.43
C VAL A 94 -23.18 4.22 -1.76
N LEU A 95 -22.35 3.20 -1.93
CA LEU A 95 -21.02 3.19 -1.34
C LEU A 95 -20.16 4.32 -1.89
N ARG A 96 -20.14 4.50 -3.21
CA ARG A 96 -19.35 5.56 -3.82
C ARG A 96 -19.89 6.91 -3.42
N LEU A 97 -21.20 7.02 -3.42
CA LEU A 97 -21.85 8.25 -3.06
C LEU A 97 -21.46 8.66 -1.64
N ALA A 98 -21.59 7.72 -0.71
CA ALA A 98 -21.28 7.99 0.69
C ALA A 98 -19.80 8.30 0.93
N TYR A 99 -18.92 7.59 0.22
CA TYR A 99 -17.49 7.79 0.37
C TYR A 99 -17.03 9.19 -0.02
N ARG A 100 -17.53 9.66 -1.16
CA ARG A 100 -17.19 10.97 -1.71
C ARG A 100 -17.83 12.14 -0.96
N ALA A 101 -19.03 11.93 -0.43
CA ALA A 101 -19.74 12.97 0.29
C ALA A 101 -18.96 13.40 1.54
N ARG A 102 -18.90 14.70 1.78
CA ARG A 102 -18.20 15.22 2.95
C ARG A 102 -19.20 15.81 3.96
N ILE A 103 -18.83 15.73 5.23
CA ILE A 103 -19.67 16.23 6.32
C ILE A 103 -19.99 17.72 6.20
N ASP A 104 -21.20 18.09 6.58
CA ASP A 104 -21.66 19.47 6.50
C ASP A 104 -21.35 20.01 5.11
N ASP A 105 -22.05 19.47 4.13
CA ASP A 105 -21.83 19.86 2.75
C ASP A 105 -23.21 20.09 2.16
N THR A 106 -23.30 21.02 1.22
CA THR A 106 -24.57 21.31 0.59
C THR A 106 -24.72 20.49 -0.68
N LYS A 107 -23.61 20.25 -1.38
CA LYS A 107 -23.64 19.49 -2.63
C LYS A 107 -23.56 17.98 -2.43
N LEU A 108 -23.75 17.26 -3.53
CA LEU A 108 -23.67 15.81 -3.53
C LEU A 108 -23.18 15.48 -4.94
N ILE A 109 -22.05 14.79 -5.04
CA ILE A 109 -21.48 14.42 -6.33
C ILE A 109 -21.71 12.95 -6.65
N PHE A 110 -22.15 12.68 -7.86
CA PHE A 110 -22.41 11.30 -8.29
C PHE A 110 -21.32 10.85 -9.26
N CYS A 111 -20.97 9.57 -9.22
CA CYS A 111 -19.88 9.07 -10.06
C CYS A 111 -20.06 9.23 -11.57
N ASN A 112 -21.19 9.80 -11.99
CA ASN A 112 -21.40 10.05 -13.41
C ASN A 112 -21.01 11.50 -13.64
N GLY A 113 -20.45 12.11 -12.59
CA GLY A 113 -20.02 13.50 -12.67
C GLY A 113 -21.06 14.56 -12.31
N THR A 114 -22.33 14.16 -12.30
CA THR A 114 -23.40 15.09 -11.96
C THR A 114 -23.36 15.52 -10.51
N VAL A 115 -23.54 16.82 -10.28
CA VAL A 115 -23.54 17.41 -8.95
C VAL A 115 -24.89 18.09 -8.73
N LEU A 116 -25.47 17.90 -7.55
CA LEU A 116 -26.77 18.50 -7.21
C LEU A 116 -26.73 18.96 -5.76
N HIS A 117 -27.75 19.73 -5.36
CA HIS A 117 -27.85 20.15 -3.97
C HIS A 117 -28.39 18.93 -3.24
N ARG A 118 -28.05 18.77 -1.97
CA ARG A 118 -28.59 17.67 -1.20
C ARG A 118 -30.10 17.84 -1.16
N THR A 119 -30.56 19.08 -1.19
CA THR A 119 -31.99 19.37 -1.16
C THR A 119 -32.74 18.95 -2.43
N GLN A 120 -32.05 18.89 -3.57
CA GLN A 120 -32.71 18.47 -4.81
C GLN A 120 -32.84 16.94 -4.81
N CYS A 121 -32.08 16.28 -3.93
CA CYS A 121 -32.10 14.83 -3.85
C CYS A 121 -33.09 14.34 -2.80
N LEU A 122 -33.27 15.15 -1.76
CA LEU A 122 -34.20 14.80 -0.70
C LEU A 122 -35.56 14.57 -1.34
N ARG A 123 -35.83 15.34 -2.39
CA ARG A 123 -37.10 15.22 -3.09
C ARG A 123 -37.30 13.82 -3.71
N SER A 124 -36.25 13.28 -4.31
CA SER A 124 -36.38 11.97 -4.93
C SER A 124 -35.92 10.80 -4.06
N PHE A 125 -34.84 11.00 -3.31
CA PHE A 125 -34.32 9.95 -2.44
C PHE A 125 -35.22 9.77 -1.21
N GLY A 126 -35.76 10.88 -0.73
CA GLY A 126 -36.60 10.84 0.46
C GLY A 126 -35.68 10.82 1.67
N GLU A 127 -36.20 10.39 2.82
CA GLU A 127 -35.41 10.33 4.05
C GLU A 127 -34.23 9.39 3.91
N TRP A 128 -34.32 8.47 2.97
CA TRP A 128 -33.23 7.53 2.74
C TRP A 128 -31.86 8.24 2.55
N LEU A 129 -31.86 9.43 1.96
CA LEU A 129 -30.62 10.17 1.74
C LEU A 129 -29.93 10.45 3.07
N ASN A 130 -30.70 10.89 4.06
CA ASN A 130 -30.15 11.18 5.38
C ASN A 130 -29.46 9.95 5.94
N ASP A 131 -30.03 8.77 5.70
CA ASP A 131 -29.42 7.55 6.17
C ASP A 131 -28.12 7.30 5.41
N ILE A 132 -28.08 7.70 4.14
CA ILE A 132 -26.87 7.55 3.33
C ILE A 132 -25.79 8.46 3.91
N MET A 133 -26.16 9.69 4.21
CA MET A 133 -25.20 10.65 4.77
C MET A 133 -24.70 10.14 6.12
N GLU A 134 -25.58 9.49 6.86
CA GLU A 134 -25.23 8.91 8.15
C GLU A 134 -24.16 7.82 7.94
N PHE A 135 -24.33 7.02 6.89
CA PHE A 135 -23.37 5.97 6.58
C PHE A 135 -22.05 6.63 6.16
N SER A 136 -22.18 7.72 5.42
CA SER A 136 -21.03 8.48 4.95
C SER A 136 -20.13 8.90 6.12
N ARG A 137 -20.73 9.53 7.12
CA ARG A 137 -19.96 9.97 8.28
C ARG A 137 -19.31 8.77 8.96
N SER A 138 -20.03 7.65 8.97
CA SER A 138 -19.50 6.43 9.57
C SER A 138 -18.20 6.01 8.86
N LEU A 139 -18.21 6.01 7.53
CA LEU A 139 -17.02 5.65 6.75
C LEU A 139 -15.82 6.51 7.08
N HIS A 140 -16.04 7.82 7.09
CA HIS A 140 -14.98 8.78 7.37
C HIS A 140 -14.47 8.77 8.81
N ASN A 141 -15.31 8.33 9.74
CA ASN A 141 -14.88 8.26 11.13
C ASN A 141 -13.83 7.17 11.24
N LEU A 142 -14.05 6.10 10.50
CA LEU A 142 -13.13 4.97 10.49
C LEU A 142 -11.89 5.32 9.66
N GLU A 143 -12.03 6.29 8.78
CA GLU A 143 -10.93 6.71 7.91
C GLU A 143 -10.47 5.55 7.04
N ILE A 144 -10.90 5.58 5.78
CA ILE A 144 -10.56 4.55 4.81
C ILE A 144 -9.80 5.19 3.65
N ASP A 145 -8.56 4.74 3.43
CA ASP A 145 -7.78 5.30 2.33
C ASP A 145 -8.29 4.75 0.99
N ILE A 146 -7.86 5.35 -0.11
CA ILE A 146 -8.30 4.96 -1.43
C ILE A 146 -8.06 3.49 -1.76
N SER A 147 -6.94 2.93 -1.31
CA SER A 147 -6.64 1.53 -1.57
C SER A 147 -7.62 0.60 -0.84
N ALA A 148 -7.93 0.94 0.41
CA ALA A 148 -8.83 0.12 1.19
C ALA A 148 -10.23 0.25 0.62
N PHE A 149 -10.60 1.46 0.18
CA PHE A 149 -11.92 1.67 -0.37
C PHE A 149 -12.15 0.89 -1.66
N ALA A 150 -11.16 0.91 -2.53
CA ALA A 150 -11.24 0.20 -3.80
C ALA A 150 -11.53 -1.28 -3.52
N CYS A 151 -10.87 -1.84 -2.51
CA CYS A 151 -11.09 -3.24 -2.14
C CYS A 151 -12.49 -3.40 -1.60
N LEU A 152 -12.93 -2.43 -0.80
CA LEU A 152 -14.28 -2.47 -0.23
C LEU A 152 -15.33 -2.51 -1.35
N CYS A 153 -15.08 -1.76 -2.43
CA CYS A 153 -15.99 -1.75 -3.56
C CYS A 153 -15.98 -3.09 -4.28
N ALA A 154 -14.79 -3.60 -4.58
CA ALA A 154 -14.67 -4.87 -5.27
C ALA A 154 -15.32 -5.96 -4.44
N LEU A 155 -15.27 -5.81 -3.12
CA LEU A 155 -15.87 -6.81 -2.23
C LEU A 155 -17.38 -6.67 -2.18
N THR A 156 -17.90 -5.52 -2.57
CA THR A 156 -19.33 -5.32 -2.58
C THR A 156 -19.88 -6.06 -3.81
N LEU A 157 -19.07 -6.08 -4.86
CA LEU A 157 -19.43 -6.73 -6.12
C LEU A 157 -19.15 -8.24 -6.09
N ILE A 158 -17.93 -8.60 -5.72
CA ILE A 158 -17.52 -9.99 -5.64
C ILE A 158 -17.85 -10.53 -4.25
N THR A 159 -19.06 -11.06 -4.13
CA THR A 159 -19.56 -11.59 -2.87
C THR A 159 -20.57 -12.71 -3.19
N GLU A 160 -20.87 -13.52 -2.20
CA GLU A 160 -21.82 -14.61 -2.38
C GLU A 160 -23.21 -14.08 -2.76
N ARG A 161 -23.81 -14.70 -3.77
CA ARG A 161 -25.15 -14.34 -4.23
C ARG A 161 -25.84 -15.65 -4.60
N HIS A 162 -27.16 -15.68 -4.43
CA HIS A 162 -27.91 -16.87 -4.78
C HIS A 162 -28.07 -16.93 -6.29
N GLY A 163 -27.86 -18.11 -6.87
CA GLY A 163 -28.01 -18.27 -8.30
C GLY A 163 -26.74 -18.23 -9.12
N LEU A 164 -25.58 -18.16 -8.46
CA LEU A 164 -24.33 -18.15 -9.19
C LEU A 164 -24.02 -19.51 -9.80
N ARG A 165 -23.50 -19.51 -11.03
CA ARG A 165 -23.16 -20.77 -11.70
C ARG A 165 -21.88 -21.35 -11.09
N GLU A 166 -20.92 -20.49 -10.77
CA GLU A 166 -19.65 -20.94 -10.19
C GLU A 166 -19.38 -20.20 -8.88
N PRO A 167 -20.18 -20.46 -7.85
CA PRO A 167 -19.99 -19.79 -6.56
C PRO A 167 -18.56 -19.88 -6.03
N LYS A 168 -17.97 -21.06 -6.16
CA LYS A 168 -16.62 -21.31 -5.69
C LYS A 168 -15.61 -20.42 -6.39
N LYS A 169 -15.83 -20.18 -7.68
CA LYS A 169 -14.91 -19.33 -8.46
C LYS A 169 -15.05 -17.88 -7.98
N VAL A 170 -16.26 -17.51 -7.58
CA VAL A 170 -16.51 -16.17 -7.06
C VAL A 170 -15.83 -16.02 -5.70
N GLU A 171 -15.98 -17.01 -4.85
CA GLU A 171 -15.36 -16.96 -3.53
C GLU A 171 -13.84 -16.88 -3.57
N GLN A 172 -13.24 -17.52 -4.57
CA GLN A 172 -11.79 -17.49 -4.68
C GLN A 172 -11.30 -16.10 -5.01
N LEU A 173 -12.01 -15.42 -5.91
CA LEU A 173 -11.65 -14.05 -6.26
C LEU A 173 -11.87 -13.19 -5.03
N GLN A 174 -12.97 -13.44 -4.32
CA GLN A 174 -13.25 -12.68 -3.11
C GLN A 174 -12.08 -12.83 -2.13
N MET A 175 -11.62 -14.07 -1.95
CA MET A 175 -10.52 -14.32 -1.02
C MET A 175 -9.27 -13.60 -1.47
N LYS A 176 -9.04 -13.51 -2.78
CA LYS A 176 -7.86 -12.81 -3.27
C LYS A 176 -7.96 -11.34 -2.94
N ILE A 177 -9.15 -10.77 -3.11
CA ILE A 177 -9.35 -9.37 -2.83
C ILE A 177 -9.20 -9.14 -1.33
N ILE A 178 -9.73 -10.06 -0.52
CA ILE A 178 -9.62 -9.94 0.93
C ILE A 178 -8.13 -10.00 1.32
N GLY A 179 -7.42 -10.94 0.70
CA GLY A 179 -6.00 -11.07 0.99
C GLY A 179 -5.27 -9.76 0.75
N SER A 180 -5.48 -9.15 -0.41
CA SER A 180 -4.83 -7.89 -0.72
C SER A 180 -5.21 -6.82 0.27
N LEU A 181 -6.47 -6.79 0.69
CA LEU A 181 -6.89 -5.78 1.65
C LEU A 181 -6.19 -6.06 2.98
N ARG A 182 -6.11 -7.34 3.34
CA ARG A 182 -5.46 -7.73 4.57
C ARG A 182 -3.99 -7.27 4.59
N ASP A 183 -3.24 -7.63 3.55
CA ASP A 183 -1.84 -7.22 3.46
C ASP A 183 -1.68 -5.70 3.60
N HIS A 184 -2.46 -4.96 2.83
CA HIS A 184 -2.40 -3.50 2.86
C HIS A 184 -2.65 -2.94 4.26
N VAL A 185 -3.66 -3.47 4.95
CA VAL A 185 -3.99 -2.97 6.29
C VAL A 185 -2.92 -3.26 7.32
N THR A 186 -2.36 -4.47 7.26
CA THR A 186 -1.31 -4.91 8.17
C THR A 186 -0.10 -3.99 8.19
N TYR A 187 0.33 -3.53 7.02
CA TYR A 187 1.50 -2.66 6.92
C TYR A 187 1.21 -1.16 6.87
N ASN A 188 -0.06 -0.78 6.90
CA ASN A 188 -0.44 0.64 6.87
C ASN A 188 -0.44 1.18 8.30
N ALA A 189 0.59 1.96 8.61
CA ALA A 189 0.77 2.55 9.94
C ALA A 189 -0.48 3.17 10.57
N GLU A 190 -1.05 4.17 9.91
CA GLU A 190 -2.24 4.85 10.43
C GLU A 190 -3.35 3.89 10.83
N ALA A 191 -3.45 2.77 10.12
CA ALA A 191 -4.49 1.77 10.39
C ALA A 191 -4.29 1.00 11.69
N GLN A 192 -3.06 0.57 11.93
CA GLN A 192 -2.75 -0.20 13.13
C GLN A 192 -2.96 0.62 14.41
N LYS A 193 -3.28 1.90 14.24
CA LYS A 193 -3.52 2.78 15.38
C LYS A 193 -4.93 2.61 15.94
N LYS A 194 -5.71 1.71 15.36
CA LYS A 194 -7.09 1.50 15.80
C LYS A 194 -7.46 0.05 16.14
N GLN A 195 -8.44 -0.10 17.04
CA GLN A 195 -8.93 -1.40 17.46
C GLN A 195 -9.38 -2.22 16.25
N HIS A 196 -8.70 -3.34 16.03
CA HIS A 196 -8.95 -4.21 14.88
C HIS A 196 -9.63 -3.49 13.73
N TYR A 197 -8.89 -2.56 13.15
CA TYR A 197 -9.35 -1.75 12.03
C TYR A 197 -9.94 -2.62 10.93
N PHE A 198 -9.20 -3.66 10.58
CA PHE A 198 -9.63 -4.57 9.54
C PHE A 198 -11.08 -5.03 9.72
N SER A 199 -11.40 -5.57 10.89
CA SER A 199 -12.74 -6.06 11.20
C SER A 199 -13.78 -4.96 11.08
N ARG A 200 -13.42 -3.76 11.53
CA ARG A 200 -14.32 -2.63 11.47
C ARG A 200 -14.56 -2.23 10.01
N LEU A 201 -13.56 -2.47 9.18
CA LEU A 201 -13.64 -2.16 7.76
C LEU A 201 -14.69 -3.03 7.10
N LEU A 202 -14.48 -4.35 7.14
CA LEU A 202 -15.41 -5.28 6.54
C LEU A 202 -16.81 -5.17 7.13
N GLY A 203 -16.87 -4.74 8.39
CA GLY A 203 -18.13 -4.58 9.08
C GLY A 203 -19.00 -3.50 8.48
N LYS A 204 -18.44 -2.76 7.53
CA LYS A 204 -19.19 -1.70 6.86
C LYS A 204 -20.05 -2.25 5.72
N LEU A 205 -19.70 -3.43 5.21
CA LEU A 205 -20.46 -4.02 4.12
C LEU A 205 -21.90 -4.40 4.52
N PRO A 206 -22.08 -4.98 5.71
CA PRO A 206 -23.43 -5.35 6.13
C PRO A 206 -24.31 -4.10 6.26
N GLU A 207 -23.72 -3.00 6.73
CA GLU A 207 -24.46 -1.75 6.89
C GLU A 207 -24.90 -1.29 5.52
N LEU A 208 -23.96 -1.31 4.58
CA LEU A 208 -24.26 -0.92 3.21
C LEU A 208 -25.41 -1.77 2.66
N ARG A 209 -25.39 -3.06 2.95
CA ARG A 209 -26.43 -3.96 2.48
C ARG A 209 -27.79 -3.48 3.02
N SER A 210 -27.86 -3.19 4.31
CA SER A 210 -29.10 -2.71 4.94
C SER A 210 -29.48 -1.33 4.40
N LEU A 211 -28.49 -0.46 4.25
CA LEU A 211 -28.73 0.87 3.75
C LEU A 211 -29.36 0.74 2.35
N SER A 212 -28.81 -0.18 1.58
CA SER A 212 -29.26 -0.47 0.22
C SER A 212 -30.71 -0.99 0.15
N VAL A 213 -31.07 -1.90 1.06
CA VAL A 213 -32.42 -2.46 1.10
C VAL A 213 -33.44 -1.32 1.25
N GLN A 214 -33.07 -0.33 2.05
CA GLN A 214 -33.91 0.82 2.29
C GLN A 214 -34.08 1.61 0.99
N GLY A 215 -33.07 1.51 0.13
CA GLY A 215 -33.12 2.20 -1.15
C GLY A 215 -34.13 1.54 -2.06
N LEU A 216 -34.14 0.22 -2.07
CA LEU A 216 -35.09 -0.53 -2.89
C LEU A 216 -36.51 -0.13 -2.55
N GLN A 217 -36.76 0.07 -1.26
CA GLN A 217 -38.08 0.44 -0.78
C GLN A 217 -38.48 1.76 -1.42
N ARG A 218 -37.55 2.71 -1.42
CA ARG A 218 -37.85 4.01 -1.99
C ARG A 218 -37.98 3.93 -3.49
N ILE A 219 -37.14 3.13 -4.13
CA ILE A 219 -37.22 3.01 -5.57
C ILE A 219 -38.50 2.26 -5.93
N PHE A 220 -38.90 1.32 -5.09
CA PHE A 220 -40.12 0.58 -5.38
C PHE A 220 -41.31 1.51 -5.27
N TYR A 221 -41.24 2.42 -4.30
CA TYR A 221 -42.30 3.40 -4.14
C TYR A 221 -42.43 4.22 -5.41
N LEU A 222 -41.31 4.73 -5.92
CA LEU A 222 -41.32 5.53 -7.14
C LEU A 222 -41.87 4.74 -8.33
N LYS A 223 -41.54 3.46 -8.39
CA LYS A 223 -42.00 2.61 -9.48
C LYS A 223 -43.53 2.49 -9.48
N LEU A 224 -44.11 2.34 -8.31
CA LEU A 224 -45.57 2.24 -8.22
C LEU A 224 -46.21 3.57 -8.55
N GLU A 225 -45.61 4.66 -8.11
CA GLU A 225 -46.15 5.99 -8.40
C GLU A 225 -46.30 6.04 -9.92
N ASP A 226 -45.31 5.47 -10.61
CA ASP A 226 -45.30 5.38 -12.05
C ASP A 226 -45.54 6.66 -12.87
N LEU A 227 -44.79 7.72 -12.56
CA LEU A 227 -44.89 8.97 -13.29
C LEU A 227 -44.11 8.84 -14.60
N VAL A 228 -43.11 7.96 -14.60
CA VAL A 228 -42.31 7.70 -15.79
C VAL A 228 -41.89 6.24 -15.68
N PRO A 229 -41.67 5.57 -16.82
CA PRO A 229 -41.27 4.17 -16.75
C PRO A 229 -39.90 3.94 -16.12
N ALA A 230 -39.73 2.81 -15.47
CA ALA A 230 -38.46 2.48 -14.84
C ALA A 230 -37.54 1.81 -15.84
N PRO A 231 -36.27 2.26 -15.92
CA PRO A 231 -35.28 1.70 -16.84
C PRO A 231 -34.99 0.25 -16.46
N ALA A 232 -34.52 -0.55 -17.42
CA ALA A 232 -34.22 -1.96 -17.15
C ALA A 232 -33.21 -2.07 -16.01
N LEU A 233 -32.20 -1.23 -16.05
CA LEU A 233 -31.14 -1.21 -15.04
C LEU A 233 -31.76 -1.10 -13.65
N ILE A 234 -32.80 -0.27 -13.51
CA ILE A 234 -33.47 -0.11 -12.23
C ILE A 234 -34.29 -1.35 -11.90
N GLU A 235 -34.86 -1.99 -12.91
CA GLU A 235 -35.65 -3.21 -12.70
C GLU A 235 -34.74 -4.37 -12.30
N ASN A 236 -33.49 -4.34 -12.78
CA ASN A 236 -32.54 -5.39 -12.47
C ASN A 236 -32.24 -5.41 -10.97
N MET A 237 -32.29 -4.24 -10.34
CA MET A 237 -32.02 -4.11 -8.91
C MET A 237 -33.04 -4.91 -8.10
N PHE A 238 -34.21 -5.13 -8.70
CA PHE A 238 -35.27 -5.84 -8.01
C PHE A 238 -35.26 -7.33 -8.25
N VAL A 239 -34.46 -7.80 -9.20
CA VAL A 239 -34.37 -9.22 -9.48
C VAL A 239 -33.83 -9.96 -8.25
N THR A 240 -33.04 -9.24 -7.45
CA THR A 240 -32.46 -9.79 -6.22
C THR A 240 -33.53 -10.08 -5.18
N THR A 241 -34.69 -10.54 -5.65
CA THR A 241 -35.82 -10.87 -4.79
C THR A 241 -36.57 -12.06 -5.41
N ILE B 13 1.86 -13.40 -4.29
CA ILE B 13 1.45 -12.08 -3.73
C ILE B 13 2.11 -10.97 -4.51
N SER B 14 1.79 -9.73 -4.13
CA SER B 14 2.35 -8.56 -4.79
C SER B 14 3.81 -8.35 -4.39
N LEU B 15 4.57 -7.84 -5.34
CA LEU B 15 5.99 -7.57 -5.13
C LEU B 15 6.27 -6.78 -3.85
N ILE B 16 5.48 -5.74 -3.58
CA ILE B 16 5.74 -4.96 -2.39
C ILE B 16 5.41 -5.75 -1.13
N THR B 17 4.33 -6.51 -1.14
CA THR B 17 4.01 -7.30 0.04
C THR B 17 5.15 -8.30 0.25
N ALA B 18 5.68 -8.85 -0.85
CA ALA B 18 6.77 -9.80 -0.76
C ALA B 18 7.98 -9.11 -0.10
N LEU B 19 8.27 -7.90 -0.58
CA LEU B 19 9.38 -7.14 -0.04
C LEU B 19 9.18 -6.77 1.42
N VAL B 20 7.99 -6.28 1.77
CA VAL B 20 7.75 -5.89 3.15
C VAL B 20 7.80 -7.10 4.10
N ARG B 21 7.22 -8.22 3.67
CA ARG B 21 7.27 -9.41 4.51
C ARG B 21 8.70 -9.86 4.79
N SER B 22 9.54 -9.85 3.75
CA SER B 22 10.94 -10.25 3.90
C SER B 22 11.60 -9.32 4.89
N HIS B 23 11.40 -8.02 4.71
CA HIS B 23 11.97 -7.05 5.62
C HIS B 23 11.59 -7.38 7.05
N VAL B 24 10.28 -7.51 7.29
CA VAL B 24 9.77 -7.83 8.62
C VAL B 24 10.33 -9.15 9.11
N ASP B 25 10.48 -10.11 8.19
CA ASP B 25 11.00 -11.43 8.55
C ASP B 25 12.49 -11.45 8.89
N THR B 26 13.25 -10.53 8.32
CA THR B 26 14.68 -10.50 8.58
C THR B 26 15.06 -9.33 9.49
N THR B 27 14.09 -8.84 10.25
CA THR B 27 14.34 -7.73 11.16
C THR B 27 14.07 -8.21 12.57
N PRO B 28 15.09 -8.17 13.43
CA PRO B 28 14.93 -8.62 14.81
C PRO B 28 13.77 -7.92 15.51
N ASP B 29 13.00 -8.69 16.26
CA ASP B 29 11.88 -8.12 17.01
C ASP B 29 12.35 -7.81 18.42
N PRO B 30 11.96 -6.66 18.96
CA PRO B 30 12.31 -6.17 20.30
C PRO B 30 12.35 -7.22 21.42
N SER B 31 11.67 -8.34 21.23
CA SER B 31 11.62 -9.40 22.24
C SER B 31 12.77 -10.39 22.15
N CYS B 32 13.38 -10.49 20.97
CA CYS B 32 14.50 -11.42 20.77
C CYS B 32 15.86 -10.76 20.65
N LEU B 33 15.98 -9.52 21.13
CA LEU B 33 17.27 -8.84 21.03
C LEU B 33 18.33 -9.53 21.87
N ASP B 34 19.56 -9.52 21.36
CA ASP B 34 20.70 -10.15 22.01
C ASP B 34 21.45 -9.08 22.79
N TYR B 35 21.50 -9.23 24.11
CA TYR B 35 22.17 -8.26 24.98
C TYR B 35 23.50 -8.75 25.53
N SER B 36 23.93 -9.94 25.11
CA SER B 36 25.18 -10.53 25.60
C SER B 36 26.44 -9.69 25.36
N HIS B 37 26.37 -8.74 24.43
CA HIS B 37 27.54 -7.91 24.14
C HIS B 37 27.41 -6.53 24.76
N TYR B 38 26.19 -6.15 25.13
CA TYR B 38 25.90 -4.83 25.70
C TYR B 38 26.83 -4.27 26.77
N GLU B 39 27.08 -5.03 27.83
CA GLU B 39 27.94 -4.54 28.89
C GLU B 39 29.40 -4.48 28.44
N GLU B 40 29.99 -3.31 28.63
CA GLU B 40 31.38 -3.06 28.24
C GLU B 40 32.37 -3.78 29.17
N GLN B 41 33.12 -4.72 28.60
CA GLN B 41 34.11 -5.49 29.34
C GLN B 41 35.50 -5.18 28.80
N SER B 42 36.53 -5.73 29.44
CA SER B 42 37.90 -5.52 29.00
C SER B 42 38.28 -6.55 27.94
N MET B 43 38.73 -6.08 26.78
CA MET B 43 39.11 -6.95 25.68
C MET B 43 40.47 -6.54 25.12
N SER B 44 41.15 -7.48 24.45
CA SER B 44 42.42 -7.16 23.84
C SER B 44 42.07 -6.29 22.64
N GLU B 45 43.05 -5.59 22.08
CA GLU B 45 42.78 -4.73 20.94
C GLU B 45 42.26 -5.60 19.79
N ALA B 46 42.79 -6.83 19.69
CA ALA B 46 42.38 -7.75 18.65
C ALA B 46 40.91 -8.16 18.79
N ASP B 47 40.50 -8.53 20.00
CA ASP B 47 39.12 -8.92 20.23
C ASP B 47 38.16 -7.81 19.82
N LYS B 48 38.60 -6.56 19.98
CA LYS B 48 37.76 -5.41 19.62
C LYS B 48 37.44 -5.47 18.13
N VAL B 49 38.47 -5.67 17.31
CA VAL B 49 38.28 -5.75 15.86
C VAL B 49 37.42 -6.96 15.49
N GLN B 50 37.65 -8.07 16.18
CA GLN B 50 36.89 -9.28 15.92
C GLN B 50 35.39 -9.06 16.17
N GLN B 51 35.08 -8.37 17.26
CA GLN B 51 33.68 -8.09 17.61
C GLN B 51 33.02 -7.25 16.52
N PHE B 52 33.79 -6.35 15.92
CA PHE B 52 33.29 -5.49 14.87
C PHE B 52 33.03 -6.29 13.59
N TYR B 53 34.02 -7.12 13.23
CA TYR B 53 33.88 -7.95 12.05
C TYR B 53 32.70 -8.88 12.22
N GLN B 54 32.63 -9.53 13.38
CA GLN B 54 31.56 -10.46 13.70
C GLN B 54 30.20 -9.79 13.59
N LEU B 55 30.09 -8.61 14.17
CA LEU B 55 28.86 -7.85 14.13
C LEU B 55 28.47 -7.56 12.67
N LEU B 56 29.46 -7.22 11.87
CA LEU B 56 29.24 -6.92 10.48
C LEU B 56 28.87 -8.14 9.63
N THR B 57 29.57 -9.26 9.83
CA THR B 57 29.30 -10.46 9.06
C THR B 57 27.96 -11.12 9.43
N SER B 58 27.68 -11.24 10.72
CA SER B 58 26.41 -11.84 11.12
C SER B 58 25.22 -11.01 10.63
N SER B 59 25.36 -9.69 10.62
CA SER B 59 24.29 -8.83 10.15
C SER B 59 24.09 -8.98 8.66
N VAL B 60 25.20 -9.04 7.92
CA VAL B 60 25.13 -9.20 6.46
C VAL B 60 24.46 -10.55 6.16
N ASP B 61 24.73 -11.57 6.98
CA ASP B 61 24.10 -12.88 6.77
C ASP B 61 22.58 -12.70 6.79
N VAL B 62 22.06 -12.00 7.79
CA VAL B 62 20.63 -11.78 7.88
C VAL B 62 20.14 -11.02 6.66
N ILE B 63 20.92 -10.05 6.22
CA ILE B 63 20.57 -9.26 5.05
C ILE B 63 20.53 -10.17 3.81
N LYS B 64 21.35 -11.21 3.83
CA LYS B 64 21.40 -12.18 2.76
C LYS B 64 20.01 -12.81 2.65
N GLN B 65 19.41 -13.11 3.80
CA GLN B 65 18.07 -13.70 3.84
C GLN B 65 17.01 -12.80 3.20
N PHE B 66 17.14 -11.49 3.38
CA PHE B 66 16.20 -10.57 2.79
C PHE B 66 16.34 -10.59 1.26
N ALA B 67 17.57 -10.49 0.77
CA ALA B 67 17.83 -10.48 -0.66
C ALA B 67 17.32 -11.76 -1.33
N GLU B 68 17.46 -12.90 -0.66
CA GLU B 68 17.03 -14.15 -1.26
C GLU B 68 15.51 -14.26 -1.36
N LYS B 69 14.80 -13.31 -0.77
CA LYS B 69 13.35 -13.34 -0.81
C LYS B 69 12.75 -12.32 -1.77
N ILE B 70 13.61 -11.63 -2.52
CA ILE B 70 13.13 -10.65 -3.47
C ILE B 70 12.71 -11.41 -4.72
N PRO B 71 11.39 -11.47 -5.00
CA PRO B 71 10.96 -12.19 -6.19
C PRO B 71 11.68 -11.73 -7.46
N GLY B 72 12.30 -12.66 -8.16
CA GLY B 72 13.02 -12.32 -9.37
C GLY B 72 14.51 -12.35 -9.16
N TYR B 73 14.93 -12.28 -7.89
CA TYR B 73 16.34 -12.29 -7.56
C TYR B 73 17.01 -13.59 -7.96
N PHE B 74 16.35 -14.71 -7.69
CA PHE B 74 16.90 -16.02 -8.04
C PHE B 74 16.82 -16.31 -9.54
N ASP B 75 16.11 -15.47 -10.27
CA ASP B 75 16.00 -15.64 -11.72
C ASP B 75 17.22 -15.04 -12.39
N LEU B 76 18.02 -14.31 -11.63
CA LEU B 76 19.23 -13.70 -12.16
C LEU B 76 20.33 -14.74 -12.08
N LEU B 77 21.33 -14.62 -12.95
CA LEU B 77 22.44 -15.55 -12.94
C LEU B 77 23.21 -15.42 -11.62
N PRO B 78 23.56 -16.56 -10.99
CA PRO B 78 24.29 -16.55 -9.72
C PRO B 78 25.46 -15.57 -9.72
N GLU B 79 26.20 -15.50 -10.81
CA GLU B 79 27.34 -14.59 -10.94
C GLU B 79 26.87 -13.18 -10.64
N ASP B 80 25.70 -12.82 -11.17
CA ASP B 80 25.17 -11.50 -10.96
C ASP B 80 24.57 -11.39 -9.56
N GLN B 81 23.94 -12.46 -9.10
CA GLN B 81 23.36 -12.45 -7.75
C GLN B 81 24.44 -12.10 -6.73
N GLU B 82 25.60 -12.78 -6.86
CA GLU B 82 26.74 -12.59 -5.98
C GLU B 82 27.31 -11.18 -6.10
N LEU B 83 27.49 -10.70 -7.31
CA LEU B 83 28.04 -9.37 -7.53
C LEU B 83 27.20 -8.28 -6.88
N LEU B 84 25.88 -8.34 -7.10
CA LEU B 84 24.97 -7.35 -6.53
C LEU B 84 25.03 -7.35 -5.01
N PHE B 85 24.95 -8.54 -4.41
CA PHE B 85 24.96 -8.61 -2.95
C PHE B 85 26.26 -8.13 -2.32
N GLN B 86 27.39 -8.55 -2.88
CA GLN B 86 28.68 -8.17 -2.33
C GLN B 86 28.86 -6.66 -2.48
N SER B 87 28.40 -6.12 -3.60
CA SER B 87 28.50 -4.70 -3.87
C SER B 87 27.51 -3.89 -3.05
N ALA B 88 26.48 -4.54 -2.53
CA ALA B 88 25.46 -3.84 -1.77
C ALA B 88 25.44 -4.14 -0.27
N SER B 89 26.15 -5.18 0.14
CA SER B 89 26.17 -5.60 1.53
C SER B 89 26.42 -4.49 2.57
N LEU B 90 27.50 -3.76 2.41
CA LEU B 90 27.78 -2.70 3.38
C LEU B 90 26.64 -1.67 3.39
N GLU B 91 26.23 -1.20 2.21
CA GLU B 91 25.14 -0.23 2.15
C GLU B 91 23.87 -0.71 2.87
N LEU B 92 23.45 -1.94 2.58
CA LEU B 92 22.26 -2.50 3.21
C LEU B 92 22.42 -2.51 4.72
N PHE B 93 23.61 -2.90 5.16
CA PHE B 93 23.91 -2.93 6.59
C PHE B 93 23.71 -1.52 7.16
N VAL B 94 24.26 -0.54 6.46
CA VAL B 94 24.17 0.85 6.90
C VAL B 94 22.72 1.34 6.84
N LEU B 95 22.03 1.02 5.74
CA LEU B 95 20.65 1.45 5.54
C LEU B 95 19.73 0.98 6.68
N ARG B 96 19.71 -0.32 6.94
CA ARG B 96 18.87 -0.85 8.00
C ARG B 96 19.25 -0.29 9.37
N LEU B 97 20.55 -0.14 9.59
CA LEU B 97 21.03 0.39 10.86
C LEU B 97 20.49 1.82 11.07
N ALA B 98 20.54 2.61 10.00
CA ALA B 98 20.06 3.99 10.07
C ALA B 98 18.54 4.02 10.26
N TYR B 99 17.83 3.21 9.49
CA TYR B 99 16.37 3.18 9.58
C TYR B 99 15.85 2.83 10.97
N ARG B 100 16.41 1.79 11.58
CA ARG B 100 15.99 1.36 12.91
C ARG B 100 16.44 2.32 14.02
N ALA B 101 17.48 3.10 13.76
CA ALA B 101 17.98 4.03 14.77
C ALA B 101 17.00 5.16 15.07
N ARG B 102 16.92 5.53 16.35
CA ARG B 102 16.03 6.60 16.78
C ARG B 102 16.87 7.78 17.22
N ILE B 103 16.46 8.98 16.83
CA ILE B 103 17.20 10.19 17.19
C ILE B 103 17.43 10.24 18.71
N ASP B 104 18.68 10.45 19.10
CA ASP B 104 19.05 10.49 20.50
C ASP B 104 18.61 9.21 21.19
N ASP B 105 19.58 8.41 21.58
CA ASP B 105 19.31 7.16 22.25
C ASP B 105 20.66 6.58 22.62
N THR B 106 20.73 5.97 23.80
CA THR B 106 21.98 5.40 24.27
C THR B 106 22.44 4.18 23.48
N LYS B 107 21.49 3.32 23.10
CA LYS B 107 21.77 2.08 22.38
C LYS B 107 21.71 2.17 20.87
N LEU B 108 22.04 1.05 20.25
CA LEU B 108 21.99 0.93 18.80
C LEU B 108 21.71 -0.56 18.54
N ILE B 109 20.71 -0.84 17.72
CA ILE B 109 20.34 -2.22 17.42
C ILE B 109 20.73 -2.64 16.02
N PHE B 110 21.39 -3.79 15.90
CA PHE B 110 21.81 -4.28 14.61
C PHE B 110 20.88 -5.38 14.14
N CYS B 111 20.70 -5.48 12.84
CA CYS B 111 19.77 -6.46 12.30
C CYS B 111 20.14 -7.92 12.57
N ASN B 112 21.20 -8.14 13.34
CA ASN B 112 21.60 -9.49 13.70
C ASN B 112 21.09 -9.70 15.14
N GLY B 113 20.38 -8.70 15.65
CA GLY B 113 19.84 -8.80 17.00
C GLY B 113 20.71 -8.24 18.12
N THR B 114 21.97 -7.95 17.84
CA THR B 114 22.86 -7.42 18.86
C THR B 114 22.53 -5.97 19.21
N VAL B 115 22.56 -5.68 20.50
CA VAL B 115 22.30 -4.33 20.99
C VAL B 115 23.55 -3.86 21.72
N LEU B 116 24.03 -2.66 21.38
CA LEU B 116 25.24 -2.12 22.00
C LEU B 116 25.08 -0.66 22.38
N HIS B 117 25.93 -0.18 23.28
CA HIS B 117 25.90 1.22 23.66
C HIS B 117 26.38 1.97 22.42
N ARG B 118 25.87 3.17 22.18
CA ARG B 118 26.32 3.92 21.02
C ARG B 118 27.78 4.29 21.23
N THR B 119 28.19 4.34 22.50
CA THR B 119 29.56 4.67 22.84
C THR B 119 30.51 3.54 22.47
N GLN B 120 30.01 2.31 22.46
CA GLN B 120 30.83 1.15 22.08
C GLN B 120 31.03 1.18 20.56
N CYS B 121 29.97 1.52 19.84
CA CYS B 121 30.00 1.58 18.37
C CYS B 121 30.86 2.75 17.89
N LEU B 122 30.95 3.78 18.72
CA LEU B 122 31.75 4.95 18.37
C LEU B 122 33.21 4.51 18.34
N ARG B 123 33.61 3.75 19.36
CA ARG B 123 34.98 3.27 19.47
C ARG B 123 35.32 2.36 18.31
N SER B 124 34.37 1.54 17.87
CA SER B 124 34.62 0.62 16.75
C SER B 124 34.44 1.22 15.36
N PHE B 125 33.32 1.88 15.14
CA PHE B 125 33.03 2.49 13.86
C PHE B 125 33.84 3.75 13.59
N GLY B 126 34.32 4.39 14.65
CA GLY B 126 35.06 5.61 14.49
C GLY B 126 34.04 6.70 14.23
N GLU B 127 34.48 7.89 13.82
CA GLU B 127 33.55 8.98 13.57
C GLU B 127 32.58 8.68 12.44
N TRP B 128 32.64 7.46 11.92
CA TRP B 128 31.75 7.07 10.83
C TRP B 128 30.31 6.89 11.34
N LEU B 129 30.17 6.55 12.61
CA LEU B 129 28.86 6.36 13.21
C LEU B 129 28.07 7.68 13.12
N ASN B 130 28.75 8.79 13.40
CA ASN B 130 28.11 10.10 13.37
C ASN B 130 27.48 10.44 12.02
N ASP B 131 28.15 10.11 10.93
CA ASP B 131 27.60 10.38 9.62
C ASP B 131 26.42 9.43 9.36
N ILE B 132 26.46 8.26 9.98
CA ILE B 132 25.38 7.31 9.81
C ILE B 132 24.15 7.80 10.57
N MET B 133 24.33 8.29 11.80
CA MET B 133 23.20 8.81 12.58
C MET B 133 22.57 9.99 11.87
N GLU B 134 23.39 10.80 11.21
CA GLU B 134 22.83 11.95 10.49
C GLU B 134 21.95 11.39 9.37
N PHE B 135 22.47 10.40 8.65
CA PHE B 135 21.69 9.80 7.57
C PHE B 135 20.41 9.26 8.18
N SER B 136 20.55 8.68 9.36
CA SER B 136 19.42 8.12 10.09
C SER B 136 18.34 9.20 10.26
N ARG B 137 18.74 10.33 10.82
CA ARG B 137 17.80 11.43 11.05
C ARG B 137 17.19 11.86 9.72
N SER B 138 18.02 11.94 8.70
CA SER B 138 17.58 12.31 7.36
C SER B 138 16.44 11.42 6.89
N LEU B 139 16.54 10.12 7.18
CA LEU B 139 15.50 9.17 6.77
C LEU B 139 14.20 9.40 7.54
N HIS B 140 14.31 9.63 8.83
CA HIS B 140 13.14 9.84 9.66
C HIS B 140 12.40 11.16 9.45
N ASN B 141 13.08 12.16 8.88
CA ASN B 141 12.43 13.44 8.62
C ASN B 141 11.57 13.27 7.38
N LEU B 142 12.02 12.40 6.49
CA LEU B 142 11.31 12.11 5.27
C LEU B 142 10.13 11.20 5.58
N GLU B 143 10.22 10.53 6.73
CA GLU B 143 9.19 9.61 7.16
C GLU B 143 8.97 8.57 6.06
N ILE B 144 9.53 7.38 6.27
CA ILE B 144 9.38 6.32 5.29
C ILE B 144 8.64 5.16 5.94
N ASP B 145 7.52 4.76 5.36
CA ASP B 145 6.77 3.65 5.92
C ASP B 145 7.55 2.37 5.62
N ILE B 146 7.16 1.28 6.24
CA ILE B 146 7.84 0.01 6.06
C ILE B 146 7.81 -0.48 4.59
N SER B 147 6.70 -0.24 3.90
CA SER B 147 6.57 -0.64 2.50
C SER B 147 7.61 0.05 1.61
N ALA B 148 7.72 1.37 1.73
CA ALA B 148 8.66 2.13 0.93
C ALA B 148 10.11 1.77 1.31
N PHE B 149 10.36 1.63 2.60
CA PHE B 149 11.70 1.30 3.05
C PHE B 149 12.09 -0.07 2.49
N ALA B 150 11.12 -0.99 2.43
CA ALA B 150 11.37 -2.33 1.91
C ALA B 150 11.79 -2.21 0.45
N CYS B 151 11.06 -1.40 -0.32
CA CYS B 151 11.41 -1.21 -1.73
C CYS B 151 12.81 -0.59 -1.83
N LEU B 152 13.06 0.37 -0.94
CA LEU B 152 14.34 1.05 -0.91
C LEU B 152 15.49 0.06 -0.70
N CYS B 153 15.34 -0.84 0.26
CA CYS B 153 16.38 -1.83 0.50
C CYS B 153 16.54 -2.64 -0.78
N ALA B 154 15.43 -2.99 -1.39
CA ALA B 154 15.46 -3.77 -2.63
C ALA B 154 16.24 -3.03 -3.73
N LEU B 155 16.05 -1.71 -3.83
CA LEU B 155 16.75 -0.91 -4.85
C LEU B 155 18.24 -0.71 -4.55
N THR B 156 18.65 -0.91 -3.31
CA THR B 156 20.07 -0.77 -2.98
C THR B 156 20.81 -1.94 -3.63
N LEU B 157 20.16 -3.10 -3.61
CA LEU B 157 20.69 -4.35 -4.16
C LEU B 157 20.55 -4.47 -5.68
N ILE B 158 19.31 -4.39 -6.17
CA ILE B 158 19.04 -4.51 -7.59
C ILE B 158 19.33 -3.18 -8.28
N THR B 159 20.52 -3.05 -8.83
CA THR B 159 20.91 -1.81 -9.48
C THR B 159 22.16 -2.06 -10.32
N GLU B 160 22.39 -1.21 -11.32
CA GLU B 160 23.56 -1.38 -12.18
C GLU B 160 24.86 -1.36 -11.39
N ARG B 161 25.78 -2.25 -11.79
CA ARG B 161 27.08 -2.31 -11.13
C ARG B 161 28.08 -2.81 -12.18
N HIS B 162 29.34 -2.45 -12.03
CA HIS B 162 30.36 -2.87 -12.98
C HIS B 162 30.54 -4.37 -12.93
N GLY B 163 30.36 -5.04 -14.07
CA GLY B 163 30.56 -6.47 -14.12
C GLY B 163 29.36 -7.37 -14.35
N LEU B 164 28.15 -6.85 -14.21
CA LEU B 164 26.99 -7.69 -14.43
C LEU B 164 27.10 -8.45 -15.75
N ARG B 165 26.79 -9.74 -15.69
CA ARG B 165 26.84 -10.60 -16.86
C ARG B 165 25.70 -10.21 -17.79
N GLU B 166 24.53 -9.96 -17.22
CA GLU B 166 23.36 -9.56 -18.00
C GLU B 166 22.67 -8.36 -17.34
N PRO B 167 23.27 -7.17 -17.48
CA PRO B 167 22.75 -5.92 -16.91
C PRO B 167 21.31 -5.59 -17.30
N LYS B 168 20.86 -6.06 -18.46
CA LYS B 168 19.50 -5.76 -18.87
C LYS B 168 18.46 -6.47 -18.02
N LYS B 169 18.78 -7.68 -17.54
CA LYS B 169 17.80 -8.38 -16.73
C LYS B 169 17.73 -7.75 -15.34
N VAL B 170 18.86 -7.25 -14.86
CA VAL B 170 18.89 -6.59 -13.57
C VAL B 170 18.08 -5.31 -13.70
N GLU B 171 18.22 -4.67 -14.85
CA GLU B 171 17.50 -3.44 -15.15
C GLU B 171 15.98 -3.67 -15.06
N GLN B 172 15.52 -4.75 -15.66
CA GLN B 172 14.09 -5.10 -15.64
C GLN B 172 13.53 -5.34 -14.24
N LEU B 173 14.28 -6.01 -13.38
CA LEU B 173 13.81 -6.24 -12.02
C LEU B 173 13.81 -4.91 -11.28
N GLN B 174 14.75 -4.04 -11.64
CA GLN B 174 14.84 -2.73 -11.01
C GLN B 174 13.60 -1.88 -11.37
N MET B 175 13.32 -1.75 -12.66
CA MET B 175 12.15 -0.96 -13.07
C MET B 175 10.88 -1.48 -12.37
N LYS B 176 10.79 -2.80 -12.19
CA LYS B 176 9.63 -3.38 -11.53
C LYS B 176 9.51 -2.91 -10.10
N ILE B 177 10.60 -3.02 -9.35
CA ILE B 177 10.59 -2.60 -7.96
C ILE B 177 10.24 -1.13 -7.90
N ILE B 178 10.89 -0.34 -8.74
CA ILE B 178 10.60 1.08 -8.77
C ILE B 178 9.11 1.28 -9.07
N GLY B 179 8.55 0.41 -9.91
CA GLY B 179 7.14 0.49 -10.24
C GLY B 179 6.25 0.32 -9.03
N SER B 180 6.51 -0.72 -8.25
CA SER B 180 5.72 -0.97 -7.05
C SER B 180 5.88 0.15 -6.04
N LEU B 181 7.11 0.65 -5.89
CA LEU B 181 7.33 1.73 -4.95
C LEU B 181 6.55 2.94 -5.45
N ARG B 182 6.64 3.18 -6.75
CA ARG B 182 5.96 4.29 -7.41
C ARG B 182 4.45 4.21 -7.17
N ASP B 183 3.87 3.03 -7.42
CA ASP B 183 2.44 2.87 -7.23
C ASP B 183 2.02 2.97 -5.77
N HIS B 184 2.91 2.55 -4.86
CA HIS B 184 2.59 2.65 -3.45
C HIS B 184 2.56 4.10 -3.03
N VAL B 185 3.56 4.86 -3.49
CA VAL B 185 3.67 6.27 -3.17
C VAL B 185 2.52 7.09 -3.77
N THR B 186 2.18 6.81 -5.01
CA THR B 186 1.10 7.50 -5.73
C THR B 186 -0.25 7.52 -4.99
N TYR B 187 -0.51 6.48 -4.20
CA TYR B 187 -1.77 6.38 -3.49
C TYR B 187 -1.67 6.46 -1.96
N ASN B 188 -0.51 6.87 -1.46
CA ASN B 188 -0.34 7.02 -0.02
C ASN B 188 -0.54 8.49 0.31
N ALA B 189 -1.73 8.83 0.79
CA ALA B 189 -2.07 10.20 1.12
C ALA B 189 -1.02 10.91 1.96
N GLU B 190 -0.52 10.24 3.00
CA GLU B 190 0.48 10.85 3.88
C GLU B 190 1.70 11.32 3.08
N ALA B 191 2.15 10.47 2.16
CA ALA B 191 3.31 10.79 1.33
C ALA B 191 3.01 11.89 0.33
N GLN B 192 1.82 11.85 -0.27
CA GLN B 192 1.45 12.87 -1.25
C GLN B 192 1.35 14.24 -0.59
N LYS B 193 1.36 14.26 0.74
CA LYS B 193 1.30 15.53 1.48
C LYS B 193 2.64 16.25 1.44
N LYS B 194 3.65 15.58 0.86
CA LYS B 194 4.98 16.15 0.73
C LYS B 194 5.36 16.20 -0.73
N GLN B 195 5.96 17.30 -1.15
CA GLN B 195 6.34 17.50 -2.55
C GLN B 195 7.49 16.58 -3.00
N HIS B 196 7.39 16.09 -4.23
CA HIS B 196 8.42 15.24 -4.82
C HIS B 196 8.89 14.13 -3.87
N TYR B 197 7.99 13.63 -3.04
CA TYR B 197 8.35 12.58 -2.10
C TYR B 197 9.04 11.40 -2.76
N PHE B 198 8.61 11.04 -3.96
CA PHE B 198 9.19 9.92 -4.66
C PHE B 198 10.64 10.17 -5.04
N SER B 199 10.92 11.34 -5.59
CA SER B 199 12.27 11.68 -5.98
C SER B 199 13.18 11.77 -4.76
N ARG B 200 12.66 12.33 -3.68
CA ARG B 200 13.43 12.47 -2.45
C ARG B 200 13.72 11.11 -1.82
N LEU B 201 12.89 10.13 -2.10
CA LEU B 201 13.10 8.81 -1.55
C LEU B 201 14.23 8.16 -2.35
N LEU B 202 14.16 8.25 -3.67
CA LEU B 202 15.21 7.67 -4.50
C LEU B 202 16.51 8.44 -4.32
N GLY B 203 16.40 9.67 -3.82
CA GLY B 203 17.59 10.50 -3.62
C GLY B 203 18.41 10.05 -2.42
N LYS B 204 17.81 9.20 -1.60
CA LYS B 204 18.49 8.69 -0.42
C LYS B 204 19.49 7.59 -0.78
N LEU B 205 19.28 6.93 -1.91
CA LEU B 205 20.19 5.86 -2.33
C LEU B 205 21.61 6.36 -2.64
N PRO B 206 21.73 7.47 -3.38
CA PRO B 206 23.07 7.99 -3.69
C PRO B 206 23.80 8.42 -2.42
N GLU B 207 23.07 8.97 -1.46
CA GLU B 207 23.66 9.41 -0.20
C GLU B 207 24.18 8.18 0.53
N LEU B 208 23.37 7.12 0.52
CA LEU B 208 23.72 5.87 1.18
C LEU B 208 25.02 5.31 0.59
N ARG B 209 25.13 5.31 -0.73
CA ARG B 209 26.32 4.83 -1.43
C ARG B 209 27.57 5.55 -0.93
N SER B 210 27.53 6.88 -0.89
CA SER B 210 28.68 7.66 -0.44
C SER B 210 28.99 7.40 1.03
N LEU B 211 27.93 7.32 1.82
CA LEU B 211 28.07 7.08 3.24
C LEU B 211 28.77 5.74 3.48
N SER B 212 28.54 4.78 2.60
CA SER B 212 29.13 3.46 2.74
C SER B 212 30.61 3.48 2.41
N VAL B 213 30.97 4.18 1.34
CA VAL B 213 32.37 4.30 0.94
C VAL B 213 33.19 4.74 2.16
N GLN B 214 32.63 5.64 2.95
CA GLN B 214 33.32 6.11 4.14
C GLN B 214 33.59 4.93 5.07
N GLY B 215 32.67 3.98 5.14
CA GLY B 215 32.88 2.83 5.99
C GLY B 215 34.09 2.05 5.54
N LEU B 216 34.35 2.03 4.24
CA LEU B 216 35.51 1.32 3.70
C LEU B 216 36.83 1.83 4.25
N GLN B 217 36.93 3.14 4.48
CA GLN B 217 38.16 3.71 5.02
C GLN B 217 38.41 3.17 6.42
N ARG B 218 37.34 3.02 7.18
CA ARG B 218 37.46 2.53 8.54
C ARG B 218 37.84 1.06 8.52
N ILE B 219 37.15 0.29 7.68
CA ILE B 219 37.43 -1.13 7.56
C ILE B 219 38.85 -1.34 7.05
N PHE B 220 39.30 -0.48 6.15
CA PHE B 220 40.66 -0.61 5.61
C PHE B 220 41.67 -0.38 6.73
N TYR B 221 41.38 0.58 7.59
CA TYR B 221 42.26 0.89 8.69
C TYR B 221 42.46 -0.34 9.55
N LEU B 222 41.36 -0.99 9.93
CA LEU B 222 41.44 -2.19 10.76
C LEU B 222 42.20 -3.29 10.04
N LYS B 223 41.91 -3.43 8.75
CA LYS B 223 42.54 -4.44 7.93
C LYS B 223 44.07 -4.25 7.90
N LEU B 224 44.52 -3.02 8.10
CA LEU B 224 45.96 -2.74 8.11
C LEU B 224 46.60 -3.14 9.43
N GLU B 225 45.94 -2.86 10.54
CA GLU B 225 46.50 -3.26 11.83
C GLU B 225 46.70 -4.77 11.72
N ASP B 226 45.81 -5.42 10.98
CA ASP B 226 45.88 -6.85 10.76
C ASP B 226 45.98 -7.63 12.08
N LEU B 227 45.12 -7.27 13.02
CA LEU B 227 45.09 -7.92 14.33
C LEU B 227 44.37 -9.25 14.27
N VAL B 228 43.51 -9.41 13.27
CA VAL B 228 42.76 -10.65 13.11
C VAL B 228 42.45 -10.79 11.63
N PRO B 229 42.33 -12.03 11.15
CA PRO B 229 42.03 -12.26 9.73
C PRO B 229 40.75 -11.55 9.27
N ALA B 230 40.82 -10.93 8.10
CA ALA B 230 39.67 -10.23 7.54
C ALA B 230 38.75 -11.24 6.86
N PRO B 231 37.51 -11.37 7.37
CA PRO B 231 36.55 -12.30 6.80
C PRO B 231 36.38 -12.03 5.31
N ALA B 232 36.10 -13.08 4.54
CA ALA B 232 35.90 -12.94 3.10
C ALA B 232 34.72 -12.02 2.81
N LEU B 233 33.70 -12.10 3.66
CA LEU B 233 32.51 -11.27 3.54
C LEU B 233 32.94 -9.79 3.68
N ILE B 234 33.99 -9.54 4.46
CA ILE B 234 34.51 -8.19 4.65
C ILE B 234 35.33 -7.84 3.41
N GLU B 235 36.20 -8.77 3.00
CA GLU B 235 37.04 -8.57 1.82
C GLU B 235 36.22 -8.24 0.58
N ASN B 236 35.11 -8.93 0.40
CA ASN B 236 34.27 -8.68 -0.78
C ASN B 236 33.67 -7.27 -0.84
N MET B 237 33.66 -6.56 0.28
CA MET B 237 33.14 -5.19 0.29
C MET B 237 34.07 -4.30 -0.52
N PHE B 238 35.36 -4.63 -0.52
CA PHE B 238 36.36 -3.84 -1.23
C PHE B 238 36.39 -4.08 -2.74
N VAL B 239 35.33 -4.67 -3.28
CA VAL B 239 35.25 -4.92 -4.71
C VAL B 239 34.76 -3.67 -5.42
N THR B 240 35.70 -2.76 -5.65
CA THR B 240 35.44 -1.49 -6.32
C THR B 240 36.75 -0.71 -6.37
#